data_5JEJ
#
_entry.id   5JEJ
#
_cell.length_a   64.076
_cell.length_b   56.401
_cell.length_c   75.548
_cell.angle_alpha   90.00
_cell.angle_beta   104.64
_cell.angle_gamma   90.00
#
_symmetry.space_group_name_H-M   'P 1 2 1'
#
loop_
_entity.id
_entity.type
_entity.pdbx_description
1 polymer 'Stimulator of interferon genes protein'
2 polymer 'Interferon regulatory factor 3'
3 water water
#
loop_
_entity_poly.entity_id
_entity_poly.type
_entity_poly.pdbx_seq_one_letter_code
_entity_poly.pdbx_strand_id
1 'polypeptide(L)' STVGSLKTSAVPSTSTMSQEPELLI(SEP)GMEKPLPLRTDWS C,D,E
2 'polypeptide(L)'
;SEFENPLKRLLVPGEEWEFEVTAFYRGRQVFQQTISCPEGLRLVGSEVGDRTLPGWPVTLPDPGMSLTDRGVMSYVRHVL
SCLGGGLALWRAGQWLWAQRLGHCHTYWAVSEELLPNSGHGPDGEVPKDKEGGVFDLGPFIVDLITFTEGSGRSPRYALW
FCVGESWPQDQPWTKRLVMVKVVPTCLRALVEMARVGGASSLENTVDLHISNSHPLSLTSDQYKAYLQDLVEGMDFQGPG
ES
;
A,B
#
# COMPACT_ATOMS: atom_id res chain seq x y z
N GLN A 19 10.63 10.25 17.90
CA GLN A 19 10.01 10.75 16.69
C GLN A 19 10.98 10.71 15.51
N GLU A 20 12.21 11.17 15.74
CA GLU A 20 13.24 11.16 14.73
C GLU A 20 13.64 9.73 14.41
N PRO A 21 13.93 9.44 13.14
CA PRO A 21 14.45 8.12 12.80
C PRO A 21 15.81 7.94 13.44
N GLU A 22 16.15 6.70 13.76
CA GLU A 22 17.47 6.40 14.26
C GLU A 22 18.12 5.44 13.27
N LEU A 23 19.08 5.98 12.54
CA LEU A 23 19.69 5.28 11.42
C LEU A 23 20.63 4.17 11.88
N LEU A 24 20.43 2.99 11.30
CA LEU A 24 21.32 1.84 11.50
C LEU A 24 22.27 1.74 10.30
N ILE A 25 23.34 2.53 10.33
CA ILE A 25 24.34 2.54 9.28
C ILE A 25 25.74 2.29 9.86
N GLY A 27 29.86 2.29 10.08
CA GLY A 27 30.86 3.25 9.65
C GLY A 27 30.67 4.64 10.23
N MET A 28 29.61 4.85 10.99
CA MET A 28 29.20 6.19 11.43
C MET A 28 30.08 6.80 12.53
N GLU A 29 31.20 6.15 12.85
CA GLU A 29 32.14 6.61 13.88
C GLU A 29 31.51 6.59 15.27
N LYS A 30 32.21 5.98 16.22
CA LYS A 30 31.74 5.76 17.59
C LYS A 30 31.08 6.99 18.24
N PRO A 31 30.19 6.75 19.23
CA PRO A 31 29.64 7.84 20.02
C PRO A 31 30.74 8.72 20.61
N LEU A 32 30.49 10.01 20.66
CA LEU A 32 31.44 11.00 21.19
C LEU A 32 32.09 10.57 22.51
N PRO A 33 31.34 9.97 23.44
CA PRO A 33 32.01 9.46 24.63
C PRO A 33 32.98 8.29 24.40
N LEU A 34 32.76 7.48 23.38
CA LEU A 34 33.65 6.35 23.09
C LEU A 34 34.84 6.75 22.21
N ARG A 35 35.04 8.05 22.03
CA ARG A 35 36.12 8.56 21.18
C ARG A 35 37.26 9.13 22.01
N THR A 36 38.48 8.80 21.62
CA THR A 36 39.64 9.36 22.27
C THR A 36 39.80 10.81 21.83
N ASP A 37 39.95 11.72 22.80
CA ASP A 37 40.14 13.12 22.50
C ASP A 37 41.64 13.42 22.42
N TRP A 38 42.14 13.61 21.21
CA TRP A 38 43.57 13.84 21.01
C TRP A 38 43.94 15.31 20.97
N SER A 39 42.95 16.18 21.13
CA SER A 39 43.20 17.61 21.11
C SER A 39 43.83 18.09 22.42
N GLN B 19 -7.67 -17.98 15.11
CA GLN B 19 -7.97 -16.56 15.32
C GLN B 19 -9.14 -16.09 14.46
N GLU B 20 -10.28 -16.73 14.66
CA GLU B 20 -11.52 -16.43 13.92
C GLU B 20 -12.07 -15.04 14.23
N PRO B 21 -12.62 -14.35 13.21
CA PRO B 21 -13.21 -13.01 13.38
C PRO B 21 -14.34 -12.94 14.41
N GLU B 22 -14.36 -11.86 15.18
CA GLU B 22 -15.52 -11.55 16.02
C GLU B 22 -16.34 -10.50 15.32
N LEU B 23 -17.44 -10.92 14.72
CA LEU B 23 -18.28 -9.99 13.98
C LEU B 23 -19.04 -9.09 14.94
N LEU B 24 -19.19 -7.83 14.57
CA LEU B 24 -19.89 -6.86 15.39
C LEU B 24 -21.08 -6.34 14.59
N ILE B 25 -22.18 -7.10 14.63
CA ILE B 25 -23.41 -6.78 13.95
C ILE B 25 -24.57 -6.86 14.95
N GLY B 27 -28.85 -6.61 16.04
CA GLY B 27 -30.10 -7.10 15.49
C GLY B 27 -30.18 -8.62 15.50
N MET B 28 -30.14 -9.22 14.31
CA MET B 28 -30.18 -10.68 14.12
C MET B 28 -31.47 -11.31 14.63
N THR C 36 11.36 20.43 12.48
CA THR C 36 10.85 19.39 11.60
C THR C 36 9.81 18.48 12.28
N ASP C 37 8.67 18.30 11.62
CA ASP C 37 7.56 17.49 12.14
C ASP C 37 7.62 16.03 11.67
N TRP C 38 7.92 15.11 12.60
CA TRP C 38 8.08 13.67 12.31
C TRP C 38 6.81 12.84 12.54
N SER C 39 5.68 13.51 12.76
CA SER C 39 4.41 12.80 12.92
C SER C 39 3.83 12.42 11.55
N GLU D 4 -12.78 34.33 -8.90
CA GLU D 4 -11.48 34.93 -8.68
C GLU D 4 -10.49 33.94 -8.05
N ASN D 5 -10.88 33.32 -6.94
CA ASN D 5 -10.10 32.25 -6.32
C ASN D 5 -10.65 30.90 -6.78
N PRO D 6 -9.92 30.21 -7.66
CA PRO D 6 -10.40 28.92 -8.18
C PRO D 6 -10.59 27.84 -7.12
N LEU D 7 -9.88 27.94 -6.01
CA LEU D 7 -10.00 26.91 -4.99
C LEU D 7 -11.35 27.00 -4.26
N LYS D 8 -11.96 28.18 -4.28
CA LYS D 8 -13.27 28.35 -3.62
C LYS D 8 -14.38 27.52 -4.28
N ARG D 9 -14.15 27.07 -5.51
CA ARG D 9 -15.11 26.18 -6.16
C ARG D 9 -15.29 24.87 -5.39
N LEU D 10 -14.32 24.53 -4.53
CA LEU D 10 -14.46 23.39 -3.63
C LEU D 10 -15.72 23.45 -2.76
N LEU D 11 -16.18 24.67 -2.50
CA LEU D 11 -17.24 24.89 -1.51
C LEU D 11 -18.45 25.63 -2.09
N VAL D 12 -18.41 25.96 -3.38
CA VAL D 12 -19.57 26.56 -4.04
C VAL D 12 -20.73 25.57 -3.98
N PRO D 13 -21.90 26.03 -3.51
CA PRO D 13 -23.05 25.13 -3.44
C PRO D 13 -23.37 24.53 -4.82
N GLY D 14 -23.79 23.26 -4.84
CA GLY D 14 -24.14 22.61 -6.08
C GLY D 14 -23.01 21.81 -6.72
N GLU D 15 -21.78 22.02 -6.26
CA GLU D 15 -20.65 21.27 -6.84
C GLU D 15 -20.48 19.93 -6.12
N GLU D 16 -19.97 18.94 -6.85
CA GLU D 16 -19.82 17.60 -6.31
C GLU D 16 -18.35 17.21 -6.29
N TRP D 17 -17.89 16.67 -5.16
CA TRP D 17 -16.55 16.11 -5.09
C TRP D 17 -16.51 14.70 -5.66
N GLU D 18 -15.41 14.34 -6.30
CA GLU D 18 -15.19 12.92 -6.65
C GLU D 18 -14.64 12.18 -5.45
N PHE D 19 -15.19 11.00 -5.19
CA PHE D 19 -14.68 10.13 -4.12
C PHE D 19 -14.19 8.83 -4.71
N GLU D 20 -12.94 8.51 -4.46
CA GLU D 20 -12.39 7.25 -4.95
C GLU D 20 -12.63 6.18 -3.89
N VAL D 21 -13.42 5.18 -4.22
CA VAL D 21 -13.77 4.19 -3.22
C VAL D 21 -13.02 2.90 -3.56
N THR D 22 -12.23 2.38 -2.63
CA THR D 22 -11.43 1.19 -2.86
C THR D 22 -11.72 0.19 -1.76
N ALA D 23 -12.21 -0.99 -2.11
CA ALA D 23 -12.50 -2.00 -1.07
C ALA D 23 -11.50 -3.15 -1.08
N PHE D 24 -11.20 -3.63 0.13
CA PHE D 24 -10.29 -4.75 0.34
C PHE D 24 -10.97 -5.86 1.14
N TYR D 25 -10.92 -7.08 0.62
CA TYR D 25 -11.35 -8.23 1.40
C TYR D 25 -10.09 -8.97 1.84
N ARG D 26 -9.86 -8.99 3.14
CA ARG D 26 -8.68 -9.61 3.72
C ARG D 26 -7.39 -9.14 3.03
N GLY D 27 -7.19 -7.83 2.99
CA GLY D 27 -5.96 -7.27 2.47
C GLY D 27 -5.78 -7.28 0.96
N ARG D 28 -6.81 -7.73 0.25
CA ARG D 28 -6.75 -7.78 -1.20
C ARG D 28 -7.76 -6.82 -1.85
N GLN D 29 -7.27 -5.95 -2.74
CA GLN D 29 -8.17 -5.02 -3.44
C GLN D 29 -9.11 -5.80 -4.32
N VAL D 30 -10.40 -5.57 -4.14
CA VAL D 30 -11.43 -6.31 -4.87
C VAL D 30 -12.34 -5.39 -5.67
N PHE D 31 -12.22 -4.08 -5.46
CA PHE D 31 -13.16 -3.08 -6.01
C PHE D 31 -12.53 -1.70 -5.97
N GLN D 32 -12.74 -0.92 -7.03
CA GLN D 32 -12.37 0.50 -7.00
C GLN D 32 -13.22 1.29 -7.99
N GLN D 33 -13.96 2.27 -7.49
CA GLN D 33 -14.76 3.12 -8.37
C GLN D 33 -14.67 4.57 -7.93
N THR D 34 -14.77 5.50 -8.87
CA THR D 34 -14.89 6.91 -8.52
C THR D 34 -16.35 7.34 -8.58
N ILE D 35 -16.78 8.06 -7.56
CA ILE D 35 -18.19 8.32 -7.33
C ILE D 35 -18.40 9.81 -7.13
N SER D 36 -19.46 10.33 -7.73
CA SER D 36 -19.78 11.73 -7.67
C SER D 36 -21.30 11.85 -7.54
N CYS D 37 -21.78 12.42 -6.44
CA CYS D 37 -23.21 12.54 -6.19
C CYS D 37 -23.46 13.60 -5.12
N PRO D 38 -24.38 14.55 -5.41
CA PRO D 38 -24.68 15.61 -4.43
C PRO D 38 -25.09 15.05 -3.07
N GLU D 39 -25.71 13.87 -3.02
CA GLU D 39 -26.14 13.31 -1.73
C GLU D 39 -25.09 12.34 -1.19
N GLY D 40 -23.89 12.41 -1.74
CA GLY D 40 -22.82 11.53 -1.32
C GLY D 40 -23.06 10.11 -1.79
N LEU D 41 -22.54 9.16 -1.03
CA LEU D 41 -22.58 7.75 -1.41
C LEU D 41 -23.05 6.88 -0.25
N ARG D 42 -23.53 5.69 -0.58
CA ARG D 42 -23.83 4.65 0.41
C ARG D 42 -23.13 3.34 0.03
N LEU D 43 -22.26 2.85 0.91
CA LEU D 43 -21.64 1.54 0.71
C LEU D 43 -22.65 0.47 1.07
N VAL D 44 -23.05 -0.35 0.10
CA VAL D 44 -24.05 -1.37 0.37
C VAL D 44 -23.55 -2.75 -0.09
N GLY D 45 -24.27 -3.80 0.31
CA GLY D 45 -23.87 -5.16 0.00
C GLY D 45 -24.89 -5.92 -0.82
N SER D 46 -25.59 -5.18 -1.68
CA SER D 46 -26.58 -5.73 -2.60
C SER D 46 -27.71 -6.53 -1.95
N GLU D 47 -28.34 -5.96 -0.92
CA GLU D 47 -29.65 -6.42 -0.49
C GLU D 47 -30.63 -5.37 -0.97
N VAL D 48 -30.06 -4.31 -1.54
CA VAL D 48 -30.69 -3.06 -1.99
C VAL D 48 -30.99 -2.15 -0.75
N GLY D 49 -32.07 -2.25 0.04
CA GLY D 49 -33.34 -2.93 -0.19
C GLY D 49 -34.37 -1.84 -0.40
N ASP D 50 -34.00 -0.63 0.03
CA ASP D 50 -34.82 0.56 -0.12
C ASP D 50 -34.27 1.43 -1.26
N ARG D 51 -35.18 2.08 -1.99
CA ARG D 51 -34.81 2.92 -3.11
C ARG D 51 -35.21 4.36 -2.84
N THR D 52 -35.52 4.65 -1.58
CA THR D 52 -35.92 6.00 -1.17
C THR D 52 -34.85 6.62 -0.27
N LEU D 53 -33.70 5.95 -0.16
CA LEU D 53 -32.57 6.51 0.57
C LEU D 53 -31.75 7.43 -0.31
N PRO D 54 -31.23 8.52 0.27
CA PRO D 54 -30.34 9.39 -0.49
C PRO D 54 -28.97 8.73 -0.64
N GLY D 55 -28.17 9.19 -1.60
CA GLY D 55 -26.82 8.70 -1.74
C GLY D 55 -26.65 7.71 -2.89
N TRP D 56 -25.53 7.85 -3.58
CA TRP D 56 -25.16 6.95 -4.65
C TRP D 56 -24.84 5.57 -4.08
N PRO D 57 -25.64 4.56 -4.43
CA PRO D 57 -25.32 3.24 -3.88
C PRO D 57 -24.04 2.68 -4.49
N VAL D 58 -23.06 2.40 -3.65
CA VAL D 58 -21.82 1.76 -4.07
C VAL D 58 -21.88 0.31 -3.63
N THR D 59 -22.05 -0.59 -4.57
CA THR D 59 -22.25 -2.00 -4.26
C THR D 59 -20.93 -2.78 -4.17
N LEU D 60 -20.55 -3.18 -2.96
CA LEU D 60 -19.35 -3.99 -2.76
C LEU D 60 -19.59 -5.39 -3.32
N PRO D 61 -18.65 -5.88 -4.13
CA PRO D 61 -18.84 -7.13 -4.89
C PRO D 61 -18.95 -8.38 -4.02
N ASP D 62 -19.63 -9.40 -4.53
CA ASP D 62 -19.60 -10.70 -3.89
C ASP D 62 -18.15 -11.17 -3.80
N PRO D 63 -17.79 -11.86 -2.71
CA PRO D 63 -16.42 -12.37 -2.58
C PRO D 63 -16.16 -13.50 -3.57
N GLY D 64 -17.22 -14.04 -4.15
CA GLY D 64 -17.09 -15.11 -5.13
C GLY D 64 -17.00 -16.47 -4.48
N MET D 65 -17.03 -17.50 -5.32
CA MET D 65 -16.92 -18.87 -4.83
C MET D 65 -15.64 -19.51 -5.33
N SER D 66 -14.76 -19.87 -4.40
CA SER D 66 -13.52 -20.54 -4.77
C SER D 66 -13.22 -21.64 -3.78
N LEU D 67 -12.66 -22.74 -4.30
CA LEU D 67 -12.25 -23.84 -3.45
C LEU D 67 -10.97 -23.51 -2.68
N THR D 68 -10.60 -22.24 -2.63
CA THR D 68 -9.30 -21.87 -2.06
C THR D 68 -9.38 -21.15 -0.72
N ASP D 69 -10.24 -20.14 -0.63
CA ASP D 69 -10.47 -19.47 0.66
C ASP D 69 -11.98 -19.41 0.96
N ARG D 70 -12.61 -20.56 0.84
CA ARG D 70 -14.04 -20.73 1.05
C ARG D 70 -14.52 -20.26 2.43
N GLY D 71 -13.78 -20.64 3.46
CA GLY D 71 -14.18 -20.37 4.83
C GLY D 71 -14.12 -18.88 5.14
N VAL D 72 -13.06 -18.24 4.69
CA VAL D 72 -12.87 -16.83 4.95
C VAL D 72 -13.88 -15.97 4.18
N MET D 73 -14.06 -16.25 2.89
CA MET D 73 -14.98 -15.47 2.08
C MET D 73 -16.41 -15.61 2.57
N SER D 74 -16.68 -16.68 3.30
CA SER D 74 -18.00 -16.91 3.87
C SER D 74 -18.31 -15.83 4.89
N TYR D 75 -17.30 -15.44 5.65
CA TYR D 75 -17.46 -14.39 6.65
C TYR D 75 -17.63 -13.03 6.01
N VAL D 76 -16.83 -12.78 4.97
CA VAL D 76 -16.92 -11.53 4.22
C VAL D 76 -18.35 -11.38 3.68
N ARG D 77 -18.85 -12.46 3.09
CA ARG D 77 -20.19 -12.49 2.51
C ARG D 77 -21.25 -12.18 3.55
N HIS D 78 -21.07 -12.71 4.75
CA HIS D 78 -22.02 -12.48 5.84
C HIS D 78 -22.07 -11.00 6.23
N VAL D 79 -20.90 -10.39 6.31
CA VAL D 79 -20.78 -8.98 6.62
C VAL D 79 -21.53 -8.18 5.58
N LEU D 80 -21.28 -8.49 4.31
CA LEU D 80 -21.93 -7.77 3.22
C LEU D 80 -23.44 -7.96 3.27
N SER D 81 -23.88 -9.14 3.72
CA SER D 81 -25.30 -9.43 3.82
C SER D 81 -25.94 -8.70 5.01
N CYS D 82 -25.12 -8.08 5.85
CA CYS D 82 -25.65 -7.36 6.99
C CYS D 82 -25.45 -5.85 6.85
N LEU D 83 -25.10 -5.40 5.66
CA LEU D 83 -24.87 -3.97 5.47
C LEU D 83 -26.16 -3.15 5.53
N GLY D 84 -27.29 -3.74 5.15
CA GLY D 84 -28.55 -3.02 5.14
C GLY D 84 -28.54 -1.78 4.28
N GLY D 85 -29.07 -0.67 4.81
CA GLY D 85 -29.08 0.58 4.07
C GLY D 85 -27.67 1.06 3.75
N GLY D 86 -26.71 0.54 4.51
CA GLY D 86 -25.31 0.71 4.20
C GLY D 86 -24.58 1.77 4.98
N LEU D 87 -23.33 2.02 4.58
CA LEU D 87 -22.56 3.08 5.18
C LEU D 87 -22.68 4.34 4.33
N ALA D 88 -23.35 5.35 4.88
CA ALA D 88 -23.53 6.62 4.21
C ALA D 88 -22.37 7.55 4.51
N LEU D 89 -21.87 8.17 3.45
CA LEU D 89 -20.86 9.22 3.53
C LEU D 89 -21.28 10.37 2.63
N TRP D 90 -21.34 11.58 3.17
CA TRP D 90 -21.77 12.72 2.36
C TRP D 90 -21.14 14.01 2.86
N ARG D 91 -21.25 15.05 2.05
CA ARG D 91 -20.62 16.34 2.34
C ARG D 91 -21.66 17.41 2.65
N ALA D 92 -21.36 18.23 3.64
CA ALA D 92 -22.13 19.45 3.88
C ALA D 92 -21.13 20.59 3.97
N GLY D 93 -20.99 21.33 2.86
CA GLY D 93 -19.97 22.37 2.76
C GLY D 93 -18.55 21.85 3.00
N GLN D 94 -17.92 22.35 4.06
CA GLN D 94 -16.53 21.97 4.36
C GLN D 94 -16.44 20.71 5.22
N TRP D 95 -17.58 20.10 5.54
CA TRP D 95 -17.59 18.94 6.43
C TRP D 95 -18.05 17.66 5.72
N LEU D 96 -17.34 16.57 5.99
CA LEU D 96 -17.79 15.24 5.59
C LEU D 96 -18.46 14.52 6.77
N TRP D 97 -19.54 13.82 6.48
CA TRP D 97 -20.34 13.17 7.52
C TRP D 97 -20.52 11.71 7.17
N ALA D 98 -20.56 10.85 8.18
CA ALA D 98 -20.85 9.45 7.95
C ALA D 98 -21.92 8.95 8.90
N GLN D 99 -22.73 8.02 8.41
CA GLN D 99 -23.78 7.44 9.24
C GLN D 99 -23.97 6.00 8.82
N ARG D 100 -24.12 5.15 9.82
CA ARG D 100 -24.32 3.73 9.69
C ARG D 100 -25.82 3.44 9.59
N LEU D 101 -26.27 3.02 8.41
CA LEU D 101 -27.70 2.85 8.21
C LEU D 101 -28.14 1.40 8.43
N GLY D 102 -27.19 0.48 8.43
CA GLY D 102 -27.50 -0.92 8.60
C GLY D 102 -27.05 -1.46 9.95
N HIS D 103 -26.79 -2.74 10.02
CA HIS D 103 -26.48 -3.36 11.30
C HIS D 103 -25.01 -3.68 11.55
N CYS D 104 -24.14 -3.36 10.57
CA CYS D 104 -22.70 -3.61 10.75
C CYS D 104 -22.00 -2.47 11.46
N HIS D 105 -21.56 -2.71 12.69
CA HIS D 105 -20.76 -1.71 13.37
C HIS D 105 -19.54 -1.39 12.53
N THR D 106 -19.23 -0.11 12.42
CA THR D 106 -18.18 0.36 11.54
C THR D 106 -17.34 1.40 12.26
N TYR D 107 -16.02 1.24 12.19
CA TYR D 107 -15.08 2.18 12.79
C TYR D 107 -14.28 2.86 11.70
N TRP D 108 -13.78 4.05 11.98
CA TRP D 108 -13.15 4.86 10.94
C TRP D 108 -11.92 5.58 11.46
N ALA D 109 -11.05 5.95 10.52
CA ALA D 109 -9.91 6.82 10.80
C ALA D 109 -9.53 7.59 9.55
N VAL D 110 -8.98 8.77 9.73
CA VAL D 110 -8.33 9.47 8.64
C VAL D 110 -6.85 9.11 8.72
N SER D 111 -6.33 8.49 7.68
CA SER D 111 -5.00 7.91 7.79
C SER D 111 -4.23 8.00 6.47
N GLU D 112 -3.19 7.18 6.32
CA GLU D 112 -2.36 7.17 5.13
C GLU D 112 -3.09 6.55 3.94
N GLU D 113 -2.60 6.83 2.74
CA GLU D 113 -3.15 6.21 1.53
C GLU D 113 -3.01 4.70 1.56
N LEU D 114 -1.87 4.23 2.04
CA LEU D 114 -1.52 2.81 1.93
C LEU D 114 -1.74 2.03 3.22
N LEU D 115 -1.91 2.73 4.34
CA LEU D 115 -2.01 2.10 5.65
C LEU D 115 -3.14 2.67 6.51
N PRO D 116 -4.20 1.88 6.74
CA PRO D 116 -5.34 2.36 7.52
C PRO D 116 -5.04 2.59 9.00
N ASN D 117 -4.27 1.69 9.60
CA ASN D 117 -4.09 1.75 11.04
C ASN D 117 -2.69 2.22 11.46
N SER D 118 -2.57 3.53 11.65
CA SER D 118 -1.30 4.17 12.02
C SER D 118 -0.81 3.77 13.41
N GLY D 119 -1.70 3.20 14.23
CA GLY D 119 -1.30 2.69 15.52
C GLY D 119 -1.90 3.43 16.69
N HIS D 120 -2.69 4.46 16.39
CA HIS D 120 -3.31 5.21 17.46
C HIS D 120 -4.81 4.94 17.56
N GLY D 121 -5.24 3.84 16.95
CA GLY D 121 -6.61 3.39 17.08
C GLY D 121 -7.50 4.20 16.16
N PRO D 122 -8.81 3.92 16.20
CA PRO D 122 -9.73 4.62 15.30
C PRO D 122 -9.97 6.05 15.75
N ASP D 123 -10.41 6.90 14.81
CA ASP D 123 -10.81 8.24 15.18
C ASP D 123 -12.20 8.19 15.80
N GLY D 124 -12.96 7.15 15.50
CA GLY D 124 -14.24 6.93 16.14
C GLY D 124 -15.04 5.80 15.52
N GLU D 125 -16.24 5.60 16.05
CA GLU D 125 -17.19 4.65 15.50
C GLU D 125 -18.28 5.42 14.76
N VAL D 126 -18.60 4.98 13.54
CA VAL D 126 -19.68 5.62 12.78
C VAL D 126 -21.04 5.45 13.46
N PRO D 127 -21.67 6.56 13.88
CA PRO D 127 -22.94 6.39 14.60
C PRO D 127 -24.09 5.93 13.70
N LYS D 128 -25.09 5.32 14.35
CA LYS D 128 -26.26 4.78 13.67
C LYS D 128 -27.48 5.74 13.58
N ASP D 129 -27.67 6.61 14.57
CA ASP D 129 -28.91 7.40 14.60
C ASP D 129 -28.74 8.91 14.50
N LYS D 130 -27.57 9.31 14.01
CA LYS D 130 -27.22 10.70 13.81
C LYS D 130 -25.97 10.72 12.94
N GLU D 131 -25.67 11.87 12.33
CA GLU D 131 -24.46 12.04 11.55
C GLU D 131 -23.22 12.09 12.44
N GLY D 132 -22.12 11.51 11.98
CA GLY D 132 -20.86 11.64 12.69
C GLY D 132 -19.84 12.32 11.81
N GLY D 133 -19.19 13.36 12.32
CA GLY D 133 -18.22 14.09 11.51
C GLY D 133 -16.94 13.29 11.35
N VAL D 134 -16.50 13.09 10.11
CA VAL D 134 -15.29 12.32 9.86
C VAL D 134 -14.18 13.15 9.19
N PHE D 135 -14.52 14.36 8.76
CA PHE D 135 -13.56 15.24 8.10
C PHE D 135 -14.00 16.69 8.07
N ASP D 136 -13.03 17.58 8.28
CA ASP D 136 -13.25 19.01 8.25
C ASP D 136 -12.18 19.65 7.37
N LEU D 137 -12.58 20.29 6.30
CA LEU D 137 -11.64 20.89 5.34
C LEU D 137 -10.93 22.11 5.93
N GLY D 138 -11.54 22.75 6.92
CA GLY D 138 -10.90 23.87 7.61
C GLY D 138 -9.49 23.57 8.13
N PRO D 139 -9.39 22.72 9.16
CA PRO D 139 -8.08 22.33 9.72
C PRO D 139 -7.14 21.71 8.67
N PHE D 140 -7.68 20.88 7.79
CA PHE D 140 -6.92 20.29 6.67
C PHE D 140 -6.19 21.38 5.90
N ILE D 141 -6.91 22.42 5.49
CA ILE D 141 -6.29 23.51 4.75
C ILE D 141 -5.28 24.28 5.60
N VAL D 142 -5.61 24.51 6.87
CA VAL D 142 -4.62 25.13 7.77
C VAL D 142 -3.36 24.26 7.82
N ASP D 143 -3.53 22.96 7.95
CA ASP D 143 -2.37 22.06 7.96
C ASP D 143 -1.65 21.98 6.60
N LEU D 144 -2.39 22.15 5.52
CA LEU D 144 -1.80 22.16 4.18
C LEU D 144 -0.90 23.39 4.00
N ILE D 145 -1.38 24.54 4.47
CA ILE D 145 -0.57 25.76 4.45
C ILE D 145 0.74 25.60 5.27
N THR D 146 0.63 25.07 6.48
CA THR D 146 1.78 24.75 7.31
C THR D 146 2.79 23.88 6.55
N PHE D 147 2.27 22.86 5.86
CA PHE D 147 3.06 21.96 4.99
C PHE D 147 3.82 22.74 3.90
N THR D 148 3.13 23.68 3.24
CA THR D 148 3.78 24.48 2.20
C THR D 148 4.87 25.37 2.79
N GLU D 149 4.81 25.59 4.10
CA GLU D 149 5.81 26.43 4.76
C GLU D 149 6.91 25.60 5.40
N GLY D 150 6.88 24.30 5.15
CA GLY D 150 7.93 23.39 5.59
C GLY D 150 7.88 22.95 7.04
N SER D 151 6.95 23.51 7.81
CA SER D 151 6.91 23.27 9.25
C SER D 151 5.77 22.33 9.68
N GLY D 152 5.34 21.47 8.78
CA GLY D 152 4.36 20.46 9.10
C GLY D 152 4.33 19.36 8.05
N ARG D 153 4.06 18.13 8.49
CA ARG D 153 3.87 17.01 7.57
C ARG D 153 2.66 17.28 6.67
N SER D 154 2.50 16.50 5.60
CA SER D 154 1.32 16.71 4.75
C SER D 154 0.08 16.17 5.47
N PRO D 155 -1.03 16.93 5.43
CA PRO D 155 -2.23 16.48 6.14
C PRO D 155 -2.77 15.19 5.56
N ARG D 156 -3.36 14.35 6.40
CA ARG D 156 -3.93 13.09 5.94
C ARG D 156 -5.34 13.33 5.41
N TYR D 157 -5.78 12.53 4.45
CA TYR D 157 -7.10 12.77 3.85
C TYR D 157 -7.77 11.47 3.45
N ALA D 158 -7.08 10.34 3.63
CA ALA D 158 -7.63 9.03 3.28
C ALA D 158 -8.54 8.48 4.38
N LEU D 159 -9.84 8.39 4.08
CA LEU D 159 -10.80 7.84 5.02
C LEU D 159 -10.85 6.32 4.93
N TRP D 160 -10.50 5.65 6.02
CA TRP D 160 -10.61 4.21 6.07
C TRP D 160 -11.77 3.76 6.96
N PHE D 161 -12.55 2.81 6.46
CA PHE D 161 -13.61 2.20 7.24
C PHE D 161 -13.37 0.70 7.45
N CYS D 162 -13.51 0.27 8.70
CA CYS D 162 -13.48 -1.13 9.05
C CYS D 162 -14.90 -1.58 9.35
N VAL D 163 -15.41 -2.49 8.53
CA VAL D 163 -16.83 -2.82 8.55
C VAL D 163 -17.11 -4.17 9.22
N GLY D 164 -17.89 -4.11 10.29
CA GLY D 164 -18.35 -5.31 10.97
C GLY D 164 -17.36 -5.97 11.92
N GLU D 165 -16.24 -5.31 12.15
CA GLU D 165 -15.26 -5.78 13.13
C GLU D 165 -14.68 -4.59 13.88
N SER D 166 -14.08 -4.85 15.04
CA SER D 166 -13.35 -3.81 15.74
C SER D 166 -12.22 -3.29 14.87
N TRP D 167 -11.79 -2.06 15.17
CA TRP D 167 -10.64 -1.49 14.48
C TRP D 167 -9.39 -2.31 14.77
N PRO D 168 -8.60 -2.61 13.73
CA PRO D 168 -7.41 -3.46 13.94
C PRO D 168 -6.25 -2.69 14.56
N GLN D 169 -6.44 -2.20 15.77
CA GLN D 169 -5.35 -1.58 16.49
C GLN D 169 -4.38 -2.68 16.94
N ASP D 170 -3.10 -2.45 16.73
CA ASP D 170 -2.05 -3.41 17.05
C ASP D 170 -2.28 -4.79 16.37
N GLN D 171 -2.94 -4.78 15.21
CA GLN D 171 -3.15 -5.99 14.43
C GLN D 171 -2.89 -5.65 12.97
N PRO D 172 -2.51 -6.65 12.14
CA PRO D 172 -2.36 -6.44 10.69
C PRO D 172 -3.70 -6.18 10.02
N TRP D 173 -3.84 -5.03 9.36
CA TRP D 173 -5.14 -4.64 8.80
C TRP D 173 -5.62 -5.61 7.72
N THR D 174 -4.67 -6.31 7.10
CA THR D 174 -5.00 -7.29 6.07
C THR D 174 -5.80 -8.49 6.60
N LYS D 175 -5.90 -8.64 7.92
CA LYS D 175 -6.74 -9.70 8.47
C LYS D 175 -8.22 -9.30 8.58
N ARG D 176 -8.50 -8.02 8.41
CA ARG D 176 -9.90 -7.56 8.50
C ARG D 176 -10.68 -7.96 7.25
N LEU D 177 -11.90 -8.44 7.46
CA LEU D 177 -12.74 -8.98 6.39
C LEU D 177 -13.04 -7.94 5.32
N VAL D 178 -13.47 -6.77 5.76
CA VAL D 178 -13.94 -5.72 4.87
C VAL D 178 -13.41 -4.35 5.31
N MET D 179 -12.38 -3.88 4.61
CA MET D 179 -11.84 -2.54 4.78
C MET D 179 -12.12 -1.73 3.53
N VAL D 180 -12.68 -0.53 3.72
CA VAL D 180 -12.93 0.37 2.60
C VAL D 180 -12.17 1.68 2.80
N LYS D 181 -11.37 2.04 1.79
CA LYS D 181 -10.73 3.35 1.74
C LYS D 181 -11.55 4.31 0.87
N VAL D 182 -11.79 5.52 1.38
CA VAL D 182 -12.45 6.53 0.59
C VAL D 182 -11.58 7.77 0.51
N VAL D 183 -11.16 8.13 -0.69
CA VAL D 183 -10.36 9.31 -0.90
C VAL D 183 -11.14 10.36 -1.71
N PRO D 184 -11.47 11.49 -1.06
CA PRO D 184 -11.93 12.64 -1.83
C PRO D 184 -10.74 13.13 -2.64
N THR D 185 -10.80 13.01 -3.96
CA THR D 185 -9.57 13.08 -4.73
C THR D 185 -9.05 14.51 -4.85
N CYS D 186 -9.90 15.49 -4.51
CA CYS D 186 -9.46 16.87 -4.44
C CYS D 186 -8.37 17.06 -3.40
N LEU D 187 -8.51 16.36 -2.27
CA LEU D 187 -7.53 16.46 -1.20
C LEU D 187 -6.20 15.82 -1.60
N ARG D 188 -6.25 14.68 -2.28
CA ARG D 188 -5.03 14.09 -2.83
C ARG D 188 -4.33 15.07 -3.76
N ALA D 189 -5.11 15.72 -4.61
CA ALA D 189 -4.58 16.67 -5.59
C ALA D 189 -4.00 17.91 -4.92
N LEU D 190 -4.67 18.40 -3.88
CA LEU D 190 -4.17 19.56 -3.15
C LEU D 190 -2.82 19.24 -2.48
N VAL D 191 -2.70 18.05 -1.93
CA VAL D 191 -1.48 17.68 -1.21
C VAL D 191 -0.35 17.52 -2.24
N GLU D 192 -0.63 16.83 -3.34
CA GLU D 192 0.38 16.61 -4.39
C GLU D 192 0.86 17.94 -4.98
N MET D 193 -0.06 18.89 -5.10
CA MET D 193 0.27 20.21 -5.64
C MET D 193 1.23 20.99 -4.74
N ALA D 194 1.01 20.91 -3.43
CA ALA D 194 1.91 21.54 -2.49
C ALA D 194 3.30 20.88 -2.53
N ARG D 195 3.33 19.55 -2.62
CA ARG D 195 4.60 18.81 -2.62
C ARG D 195 5.46 19.25 -3.81
N VAL D 196 4.90 19.20 -5.00
CA VAL D 196 5.64 19.59 -6.20
C VAL D 196 5.88 21.11 -6.21
N GLY D 197 4.96 21.87 -5.64
CA GLY D 197 5.11 23.31 -5.58
C GLY D 197 6.28 23.79 -4.74
N GLY D 198 6.68 22.99 -3.76
CA GLY D 198 7.80 23.35 -2.92
C GLY D 198 9.15 23.25 -3.63
N ALA D 199 9.17 22.59 -4.79
CA ALA D 199 10.43 22.26 -5.45
C ALA D 199 10.89 23.29 -6.48
N SER D 200 9.98 24.20 -6.86
CA SER D 200 10.35 25.24 -7.81
C SER D 200 9.40 26.42 -7.74
N SER D 201 9.74 27.50 -8.42
CA SER D 201 8.84 28.65 -8.59
C SER D 201 8.10 28.61 -9.94
N LEU D 202 8.08 27.45 -10.58
CA LEU D 202 7.39 27.33 -11.86
C LEU D 202 5.94 26.94 -11.66
N GLU D 203 5.13 27.07 -12.71
CA GLU D 203 3.75 26.62 -12.65
C GLU D 203 3.69 25.11 -12.54
N ASN D 204 2.75 24.63 -11.75
CA ASN D 204 2.40 23.22 -11.77
C ASN D 204 0.91 23.10 -12.00
N THR D 205 0.48 21.92 -12.39
CA THR D 205 -0.93 21.71 -12.69
C THR D 205 -1.63 20.98 -11.54
N VAL D 206 -2.76 21.52 -11.09
CA VAL D 206 -3.56 20.81 -10.11
C VAL D 206 -4.99 20.70 -10.63
N ASP D 207 -5.52 19.49 -10.57
CA ASP D 207 -6.91 19.24 -10.94
C ASP D 207 -7.71 18.93 -9.69
N LEU D 208 -8.74 19.71 -9.42
CA LEU D 208 -9.50 19.57 -8.16
C LEU D 208 -10.47 18.38 -8.17
N HIS D 209 -10.67 17.77 -9.33
CA HIS D 209 -11.56 16.60 -9.45
C HIS D 209 -12.91 16.84 -8.79
N ILE D 210 -13.55 17.93 -9.17
CA ILE D 210 -14.93 18.20 -8.77
C ILE D 210 -15.73 18.45 -10.03
N SER D 211 -17.05 18.55 -9.92
CA SER D 211 -17.90 18.77 -11.09
C SER D 211 -17.44 20.00 -11.86
N ASN D 212 -17.32 19.85 -13.17
CA ASN D 212 -16.90 20.93 -14.07
C ASN D 212 -15.49 21.43 -13.79
N SER D 213 -14.66 20.60 -13.18
CA SER D 213 -13.29 21.03 -12.90
C SER D 213 -12.46 20.92 -14.18
N HIS D 214 -11.44 21.75 -14.25
CA HIS D 214 -10.45 21.69 -15.30
C HIS D 214 -9.11 21.90 -14.60
N PRO D 215 -8.03 21.37 -15.18
CA PRO D 215 -6.73 21.56 -14.51
C PRO D 215 -6.33 23.04 -14.41
N LEU D 216 -5.87 23.43 -13.23
CA LEU D 216 -5.35 24.77 -12.98
C LEU D 216 -3.83 24.77 -13.07
N SER D 217 -3.26 25.85 -13.59
CA SER D 217 -1.81 25.98 -13.68
C SER D 217 -1.30 27.13 -12.81
N LEU D 218 -0.74 26.79 -11.65
CA LEU D 218 -0.36 27.78 -10.66
C LEU D 218 1.10 27.66 -10.21
N THR D 219 1.74 28.79 -9.97
CA THR D 219 3.01 28.80 -9.25
C THR D 219 2.71 28.57 -7.77
N SER D 220 3.76 28.24 -7.02
CA SER D 220 3.60 28.05 -5.58
C SER D 220 3.06 29.31 -4.90
N ASP D 221 3.58 30.47 -5.25
CA ASP D 221 3.10 31.73 -4.68
C ASP D 221 1.58 31.92 -4.91
N GLN D 222 1.13 31.66 -6.14
CA GLN D 222 -0.27 31.85 -6.47
C GLN D 222 -1.13 30.84 -5.71
N TYR D 223 -0.64 29.60 -5.61
CA TYR D 223 -1.33 28.53 -4.91
C TYR D 223 -1.47 28.79 -3.39
N LYS D 224 -0.40 29.27 -2.76
CA LYS D 224 -0.44 29.54 -1.32
C LYS D 224 -1.32 30.76 -1.04
N ALA D 225 -1.30 31.73 -1.94
CA ALA D 225 -2.21 32.87 -1.82
C ALA D 225 -3.66 32.39 -1.82
N TYR D 226 -3.97 31.49 -2.75
CA TYR D 226 -5.33 30.99 -2.89
C TYR D 226 -5.71 30.11 -1.69
N LEU D 227 -4.76 29.37 -1.15
CA LEU D 227 -5.04 28.55 0.05
C LEU D 227 -5.38 29.45 1.22
N GLN D 228 -4.65 30.55 1.34
CA GLN D 228 -4.86 31.50 2.43
C GLN D 228 -6.22 32.18 2.30
N ASP D 229 -6.56 32.58 1.08
CA ASP D 229 -7.84 33.23 0.83
C ASP D 229 -8.98 32.25 1.11
N LEU D 230 -8.75 30.99 0.78
CA LEU D 230 -9.73 29.94 0.99
C LEU D 230 -10.00 29.76 2.47
N VAL D 231 -8.92 29.72 3.25
CA VAL D 231 -9.03 29.36 4.65
C VAL D 231 -9.72 30.49 5.42
N GLU D 232 -9.58 31.72 4.91
CA GLU D 232 -10.21 32.87 5.56
C GLU D 232 -11.73 32.88 5.30
N GLY D 233 -12.16 32.06 4.35
CA GLY D 233 -13.57 31.96 4.03
C GLY D 233 -14.28 30.79 4.68
N MET D 234 -13.54 30.00 5.45
CA MET D 234 -14.12 28.79 6.04
C MET D 234 -14.45 28.99 7.52
N ASP D 235 -15.21 28.05 8.06
CA ASP D 235 -15.70 28.16 9.42
C ASP D 235 -14.78 27.45 10.41
N PHE D 236 -14.55 28.09 11.55
CA PHE D 236 -13.74 27.49 12.60
C PHE D 236 -14.41 27.67 13.95
N GLN D 237 -14.35 26.64 14.78
CA GLN D 237 -15.06 26.65 16.06
C GLN D 237 -14.19 27.13 17.19
N GLU E 4 7.29 -30.57 -21.29
CA GLU E 4 6.08 -31.31 -20.99
C GLU E 4 5.38 -30.77 -19.73
N ASN E 5 6.15 -30.55 -18.66
CA ASN E 5 5.63 -29.76 -17.53
C ASN E 5 6.13 -28.33 -17.69
N PRO E 6 5.24 -27.42 -18.11
CA PRO E 6 5.58 -26.02 -18.37
C PRO E 6 6.20 -25.33 -17.17
N LEU E 7 5.78 -25.73 -15.97
CA LEU E 7 6.25 -25.07 -14.75
C LEU E 7 7.71 -25.39 -14.48
N LYS E 8 8.20 -26.49 -15.03
CA LYS E 8 9.61 -26.84 -14.81
C LYS E 8 10.56 -25.82 -15.45
N ARG E 9 10.04 -25.02 -16.38
CA ARG E 9 10.80 -23.93 -16.98
C ARG E 9 11.30 -22.97 -15.91
N LEU E 10 10.59 -22.89 -14.79
CA LEU E 10 11.01 -22.05 -13.67
C LEU E 10 12.45 -22.30 -13.19
N LEU E 11 12.91 -23.54 -13.33
CA LEU E 11 14.17 -23.94 -12.65
C LEU E 11 15.25 -24.42 -13.59
N VAL E 12 14.97 -24.34 -14.87
CA VAL E 12 15.88 -24.85 -15.88
C VAL E 12 17.14 -23.97 -15.97
N PRO E 13 18.33 -24.57 -16.16
CA PRO E 13 19.58 -23.80 -16.33
C PRO E 13 19.46 -22.66 -17.35
N GLY E 14 19.94 -21.47 -16.99
CA GLY E 14 19.91 -20.33 -17.87
C GLY E 14 18.65 -19.48 -17.73
N GLU E 15 17.65 -19.97 -17.00
CA GLU E 15 16.39 -19.26 -16.81
C GLU E 15 16.57 -17.92 -16.11
N GLU E 16 15.82 -16.91 -16.55
CA GLU E 16 15.83 -15.62 -15.85
C GLU E 16 14.43 -15.29 -15.38
N TRP E 17 14.26 -15.05 -14.08
CA TRP E 17 12.97 -14.58 -13.57
C TRP E 17 12.88 -13.07 -13.72
N GLU E 18 11.67 -12.56 -13.83
CA GLU E 18 11.47 -11.13 -13.71
C GLU E 18 11.19 -10.78 -12.25
N PHE E 19 11.80 -9.71 -11.76
CA PHE E 19 11.56 -9.21 -10.40
C PHE E 19 11.07 -7.78 -10.46
N GLU E 20 9.97 -7.52 -9.79
CA GLU E 20 9.41 -6.17 -9.72
C GLU E 20 9.86 -5.48 -8.44
N VAL E 21 10.61 -4.39 -8.60
CA VAL E 21 11.09 -3.62 -7.47
C VAL E 21 10.20 -2.39 -7.28
N THR E 22 9.63 -2.24 -6.10
CA THR E 22 8.83 -1.05 -5.75
C THR E 22 9.38 -0.40 -4.49
N ALA E 23 9.74 0.87 -4.58
CA ALA E 23 10.30 1.57 -3.41
C ALA E 23 9.31 2.59 -2.83
N PHE E 24 9.34 2.72 -1.51
CA PHE E 24 8.48 3.63 -0.77
C PHE E 24 9.34 4.49 0.15
N TYR E 25 9.17 5.81 0.05
CA TYR E 25 9.80 6.74 0.97
C TYR E 25 8.73 7.26 1.92
N ARG E 26 8.82 6.88 3.19
CA ARG E 26 7.81 7.29 4.18
C ARG E 26 6.39 6.94 3.73
N GLY E 27 6.20 5.72 3.22
CA GLY E 27 4.86 5.23 2.94
C GLY E 27 4.29 5.67 1.61
N ARG E 28 5.11 6.31 0.79
CA ARG E 28 4.69 6.77 -0.52
C ARG E 28 5.50 6.08 -1.61
N GLN E 29 4.81 5.45 -2.56
CA GLN E 29 5.49 4.80 -3.69
C GLN E 29 6.20 5.87 -4.52
N VAL E 30 7.50 5.69 -4.77
CA VAL E 30 8.27 6.72 -5.46
C VAL E 30 8.98 6.16 -6.69
N PHE E 31 8.89 4.86 -6.89
CA PHE E 31 9.70 4.18 -7.89
C PHE E 31 9.23 2.76 -8.09
N GLN E 32 9.21 2.32 -9.34
CA GLN E 32 8.95 0.92 -9.64
C GLN E 32 9.67 0.55 -10.92
N GLN E 33 10.35 -0.59 -10.91
CA GLN E 33 11.09 -1.06 -12.09
C GLN E 33 11.13 -2.59 -12.10
N THR E 34 11.00 -3.18 -13.28
CA THR E 34 11.09 -4.64 -13.39
C THR E 34 12.41 -5.04 -14.04
N ILE E 35 13.11 -5.97 -13.37
CA ILE E 35 14.43 -6.44 -13.75
C ILE E 35 14.44 -7.92 -14.16
N SER E 36 15.18 -8.22 -15.21
CA SER E 36 15.57 -9.58 -15.55
C SER E 36 17.08 -9.57 -15.76
N CYS E 37 17.79 -10.43 -15.03
CA CYS E 37 19.25 -10.50 -15.10
C CYS E 37 19.73 -11.79 -14.41
N PRO E 38 20.59 -12.57 -15.07
CA PRO E 38 21.06 -13.81 -14.44
C PRO E 38 21.77 -13.59 -13.10
N GLU E 39 22.44 -12.46 -12.94
CA GLU E 39 23.15 -12.15 -11.70
C GLU E 39 22.25 -11.46 -10.68
N GLY E 40 20.96 -11.39 -10.98
CA GLY E 40 20.02 -10.72 -10.10
C GLY E 40 20.18 -9.22 -10.15
N LEU E 41 19.90 -8.58 -9.03
CA LEU E 41 19.86 -7.12 -8.97
C LEU E 41 20.57 -6.58 -7.73
N ARG E 42 20.89 -5.29 -7.75
CA ARG E 42 21.37 -4.59 -6.56
C ARG E 42 20.61 -3.29 -6.38
N LEU E 43 19.99 -3.11 -5.23
CA LEU E 43 19.37 -1.83 -4.89
C LEU E 43 20.47 -0.85 -4.49
N VAL E 44 20.61 0.23 -5.25
CA VAL E 44 21.68 1.20 -5.02
C VAL E 44 21.14 2.63 -4.90
N GLY E 45 21.99 3.57 -4.49
CA GLY E 45 21.55 4.92 -4.24
C GLY E 45 21.92 5.91 -5.33
N SER E 46 23.19 5.93 -5.72
CA SER E 46 23.62 6.81 -6.80
C SER E 46 23.85 5.99 -8.08
N GLU E 47 23.96 6.68 -9.21
CA GLU E 47 24.16 6.02 -10.48
C GLU E 47 25.64 6.05 -10.85
N VAL E 48 26.49 6.22 -9.83
CA VAL E 48 27.93 6.27 -10.00
C VAL E 48 28.62 5.94 -8.68
N GLY E 49 29.91 5.64 -8.72
CA GLY E 49 30.66 5.28 -7.54
C GLY E 49 31.05 3.82 -7.56
N ASP E 50 30.05 2.97 -7.75
CA ASP E 50 30.27 1.53 -7.92
C ASP E 50 29.68 1.06 -9.25
N ARG E 51 30.54 0.82 -10.24
CA ARG E 51 30.08 0.31 -11.53
C ARG E 51 30.95 -0.86 -11.96
N THR E 52 31.06 -1.86 -11.11
CA THR E 52 32.05 -2.90 -11.30
C THR E 52 31.63 -4.18 -10.60
N LEU E 53 30.44 -4.13 -10.00
CA LEU E 53 29.88 -5.24 -9.24
C LEU E 53 28.90 -6.01 -10.10
N PRO E 54 28.79 -7.32 -9.86
CA PRO E 54 27.80 -8.10 -10.61
C PRO E 54 26.36 -7.83 -10.13
N GLY E 55 25.39 -8.05 -11.00
CA GLY E 55 23.99 -7.83 -10.67
C GLY E 55 23.51 -6.48 -11.18
N TRP E 56 22.28 -6.46 -11.67
CA TRP E 56 21.75 -5.27 -12.35
C TRP E 56 21.42 -4.16 -11.36
N PRO E 57 22.05 -2.97 -11.52
CA PRO E 57 21.85 -1.86 -10.59
C PRO E 57 20.45 -1.23 -10.70
N VAL E 58 19.74 -1.23 -9.57
CA VAL E 58 18.44 -0.59 -9.48
C VAL E 58 18.62 0.62 -8.59
N THR E 59 18.67 1.79 -9.22
CA THR E 59 18.96 3.04 -8.52
C THR E 59 17.70 3.64 -7.94
N LEU E 60 17.63 3.73 -6.62
CA LEU E 60 16.49 4.34 -5.97
C LEU E 60 16.59 5.85 -6.16
N PRO E 61 15.46 6.51 -6.48
CA PRO E 61 15.47 7.91 -6.91
C PRO E 61 15.82 8.88 -5.79
N ASP E 62 16.49 9.96 -6.14
CA ASP E 62 16.71 11.03 -5.17
C ASP E 62 15.35 11.51 -4.67
N PRO E 63 15.25 11.82 -3.37
CA PRO E 63 13.98 12.22 -2.75
C PRO E 63 13.41 13.52 -3.30
N GLY E 64 14.22 14.27 -4.04
CA GLY E 64 13.79 15.56 -4.54
C GLY E 64 14.04 16.63 -3.49
N MET E 65 14.00 17.88 -3.90
CA MET E 65 14.31 18.97 -3.01
C MET E 65 13.14 19.96 -2.93
N SER E 66 12.22 19.68 -2.01
CA SER E 66 11.04 20.54 -1.83
C SER E 66 11.10 21.30 -0.53
N LEU E 67 10.55 22.50 -0.53
CA LEU E 67 10.47 23.30 0.67
C LEU E 67 9.52 22.68 1.69
N THR E 68 8.78 21.65 1.29
CA THR E 68 7.72 21.14 2.16
C THR E 68 8.20 20.10 3.19
N ASP E 69 8.99 19.13 2.75
CA ASP E 69 9.40 18.07 3.67
C ASP E 69 10.90 17.81 3.63
N ARG E 70 11.70 18.87 3.50
CA ARG E 70 13.12 18.68 3.27
C ARG E 70 13.82 18.07 4.48
N GLY E 71 13.28 18.29 5.68
CA GLY E 71 13.86 17.70 6.88
C GLY E 71 13.77 16.19 6.86
N VAL E 72 12.60 15.69 6.50
CA VAL E 72 12.37 14.26 6.39
C VAL E 72 13.17 13.66 5.23
N MET E 73 13.10 14.31 4.07
CA MET E 73 13.72 13.77 2.87
C MET E 73 15.25 13.80 2.93
N SER E 74 15.76 14.69 3.78
CA SER E 74 17.18 14.78 4.06
C SER E 74 17.71 13.46 4.63
N TYR E 75 16.90 12.87 5.50
CA TYR E 75 17.19 11.56 6.09
C TYR E 75 17.12 10.45 5.02
N VAL E 76 16.10 10.49 4.18
CA VAL E 76 16.02 9.55 3.06
C VAL E 76 17.30 9.66 2.22
N ARG E 77 17.68 10.90 1.89
CA ARG E 77 18.84 11.14 1.05
C ARG E 77 20.13 10.59 1.67
N HIS E 78 20.29 10.74 2.99
CA HIS E 78 21.50 10.23 3.63
C HIS E 78 21.54 8.71 3.62
N VAL E 79 20.38 8.09 3.86
CA VAL E 79 20.26 6.64 3.79
C VAL E 79 20.66 6.12 2.43
N LEU E 80 20.14 6.75 1.38
CA LEU E 80 20.46 6.36 0.01
C LEU E 80 21.95 6.48 -0.26
N SER E 81 22.56 7.54 0.25
CA SER E 81 23.98 7.80 0.03
C SER E 81 24.89 6.80 0.76
N CYS E 82 24.31 5.91 1.56
CA CYS E 82 25.09 4.96 2.34
C CYS E 82 24.88 3.54 1.82
N LEU E 83 24.20 3.41 0.69
CA LEU E 83 23.88 2.09 0.16
C LEU E 83 25.12 1.38 -0.40
N GLY E 84 26.12 2.15 -0.79
CA GLY E 84 27.35 1.60 -1.32
C GLY E 84 27.13 0.65 -2.47
N GLY E 85 27.77 -0.51 -2.43
CA GLY E 85 27.61 -1.53 -3.45
C GLY E 85 26.16 -1.97 -3.58
N GLY E 86 25.40 -1.78 -2.51
CA GLY E 86 23.97 -2.00 -2.54
C GLY E 86 23.45 -3.20 -1.77
N LEU E 87 22.16 -3.45 -1.91
CA LEU E 87 21.52 -4.64 -1.39
C LEU E 87 21.35 -5.65 -2.54
N ALA E 88 22.16 -6.71 -2.54
CA ALA E 88 22.11 -7.66 -3.64
C ALA E 88 21.01 -8.68 -3.41
N LEU E 89 20.32 -9.04 -4.48
CA LEU E 89 19.32 -10.10 -4.45
C LEU E 89 19.43 -10.94 -5.71
N TRP E 90 19.58 -12.26 -5.56
CA TRP E 90 19.70 -13.09 -6.75
C TRP E 90 19.15 -14.48 -6.53
N ARG E 91 19.00 -15.22 -7.62
CA ARG E 91 18.50 -16.58 -7.55
C ARG E 91 19.61 -17.57 -7.87
N ALA E 92 19.62 -18.68 -7.15
CA ALA E 92 20.37 -19.85 -7.61
C ALA E 92 19.47 -21.05 -7.42
N GLY E 93 19.10 -21.70 -8.51
CA GLY E 93 18.16 -22.81 -8.44
C GLY E 93 16.84 -22.37 -7.81
N GLN E 94 16.38 -23.10 -6.80
CA GLN E 94 15.06 -22.84 -6.22
C GLN E 94 15.09 -21.84 -5.06
N TRP E 95 16.25 -21.24 -4.85
CA TRP E 95 16.47 -20.35 -3.72
C TRP E 95 16.80 -18.91 -4.12
N LEU E 96 16.33 -17.97 -3.32
CA LEU E 96 16.70 -16.57 -3.44
C LEU E 96 17.69 -16.19 -2.34
N TRP E 97 18.67 -15.37 -2.70
CA TRP E 97 19.75 -15.01 -1.79
C TRP E 97 19.88 -13.51 -1.75
N ALA E 98 20.31 -12.99 -0.61
CA ALA E 98 20.53 -11.56 -0.50
C ALA E 98 21.82 -11.32 0.27
N GLN E 99 22.45 -10.19 -0.02
CA GLN E 99 23.67 -9.82 0.65
C GLN E 99 23.76 -8.32 0.68
N ARG E 100 24.22 -7.79 1.80
CA ARG E 100 24.30 -6.36 2.00
C ARG E 100 25.72 -5.91 1.74
N LEU E 101 25.92 -5.17 0.65
CA LEU E 101 27.26 -4.83 0.21
C LEU E 101 27.73 -3.45 0.63
N GLY E 102 26.79 -2.63 1.13
CA GLY E 102 27.14 -1.29 1.59
C GLY E 102 27.02 -1.18 3.09
N HIS E 103 26.62 0.00 3.56
CA HIS E 103 26.68 0.32 4.99
C HIS E 103 25.32 0.34 5.69
N CYS E 104 24.25 0.30 4.91
CA CYS E 104 22.91 0.32 5.50
C CYS E 104 22.50 -1.05 6.01
N HIS E 105 22.38 -1.18 7.32
CA HIS E 105 21.76 -2.37 7.88
C HIS E 105 20.39 -2.56 7.27
N THR E 106 20.08 -3.79 6.88
CA THR E 106 18.84 -4.02 6.18
C THR E 106 18.13 -5.27 6.67
N TYR E 107 16.89 -5.11 7.10
CA TYR E 107 16.09 -6.22 7.57
C TYR E 107 15.08 -6.63 6.54
N TRP E 108 14.69 -7.89 6.57
CA TRP E 108 13.83 -8.41 5.52
C TRP E 108 12.77 -9.33 6.10
N ALA E 109 11.68 -9.46 5.36
CA ALA E 109 10.70 -10.49 5.63
C ALA E 109 9.93 -10.81 4.35
N VAL E 110 9.46 -12.05 4.24
CA VAL E 110 8.49 -12.41 3.23
C VAL E 110 7.09 -12.12 3.80
N SER E 111 6.30 -11.35 3.06
CA SER E 111 5.02 -10.93 3.60
C SER E 111 4.03 -10.65 2.47
N GLU E 112 2.96 -9.94 2.79
CA GLU E 112 1.91 -9.66 1.84
C GLU E 112 2.31 -8.55 0.88
N GLU E 113 1.66 -8.48 -0.27
CA GLU E 113 1.92 -7.42 -1.24
C GLU E 113 1.76 -6.01 -0.64
N LEU E 114 0.77 -5.83 0.21
CA LEU E 114 0.39 -4.49 0.64
C LEU E 114 0.89 -4.10 2.02
N LEU E 115 1.29 -5.09 2.80
CA LEU E 115 1.65 -4.86 4.20
C LEU E 115 2.94 -5.60 4.55
N PRO E 116 4.04 -4.86 4.68
CA PRO E 116 5.34 -5.50 4.97
C PRO E 116 5.41 -6.16 6.32
N ASN E 117 4.81 -5.54 7.34
CA ASN E 117 5.04 -5.91 8.73
C ASN E 117 3.78 -6.39 9.45
N SER E 118 3.41 -7.65 9.26
CA SER E 118 2.21 -8.20 9.91
C SER E 118 2.35 -8.39 11.42
N GLY E 119 3.46 -7.95 12.02
CA GLY E 119 3.59 -7.92 13.47
C GLY E 119 4.58 -8.88 14.10
N HIS E 120 4.92 -9.96 13.41
CA HIS E 120 5.75 -11.01 14.00
C HIS E 120 7.24 -10.72 13.82
N GLY E 121 7.56 -9.59 13.23
CA GLY E 121 8.93 -9.14 13.15
C GLY E 121 9.62 -9.60 11.88
N PRO E 122 10.88 -9.20 11.71
CA PRO E 122 11.61 -9.52 10.48
C PRO E 122 12.03 -10.98 10.45
N ASP E 123 12.07 -11.56 9.26
CA ASP E 123 12.59 -12.91 9.08
C ASP E 123 14.08 -12.97 9.34
N GLY E 124 14.76 -11.84 9.21
CA GLY E 124 16.19 -11.77 9.47
C GLY E 124 16.80 -10.44 9.10
N GLU E 125 18.08 -10.28 9.39
CA GLU E 125 18.85 -9.17 8.85
C GLU E 125 19.69 -9.68 7.69
N VAL E 126 19.67 -8.97 6.57
CA VAL E 126 20.50 -9.34 5.42
C VAL E 126 21.98 -9.29 5.78
N PRO E 127 22.70 -10.43 5.67
CA PRO E 127 24.12 -10.49 6.05
C PRO E 127 25.01 -9.70 5.10
N LYS E 128 26.15 -9.22 5.62
CA LYS E 128 27.13 -8.48 4.80
C LYS E 128 28.31 -9.34 4.30
N ASP E 129 28.79 -10.24 5.13
CA ASP E 129 30.06 -10.92 4.81
C ASP E 129 29.84 -12.30 4.16
N LYS E 130 28.58 -12.62 3.89
CA LYS E 130 28.19 -13.91 3.34
C LYS E 130 26.77 -13.73 2.82
N GLU E 131 26.36 -14.51 1.83
CA GLU E 131 24.99 -14.41 1.38
C GLU E 131 24.08 -15.15 2.34
N GLY E 132 22.80 -14.79 2.35
CA GLY E 132 21.84 -15.42 3.23
C GLY E 132 20.59 -15.76 2.44
N GLY E 133 20.01 -16.92 2.71
CA GLY E 133 18.84 -17.35 1.96
C GLY E 133 17.61 -16.58 2.40
N VAL E 134 16.86 -16.03 1.45
CA VAL E 134 15.68 -15.25 1.80
C VAL E 134 14.39 -15.87 1.27
N PHE E 135 14.50 -16.93 0.47
CA PHE E 135 13.31 -17.57 -0.09
C PHE E 135 13.58 -18.95 -0.69
N ASP E 136 12.67 -19.89 -0.42
CA ASP E 136 12.77 -21.24 -0.95
C ASP E 136 11.49 -21.60 -1.69
N LEU E 137 11.61 -21.82 -2.99
CA LEU E 137 10.45 -22.12 -3.84
C LEU E 137 9.83 -23.46 -3.48
N GLY E 138 10.62 -24.35 -2.89
CA GLY E 138 10.14 -25.66 -2.46
C GLY E 138 8.95 -25.57 -1.52
N PRO E 139 9.14 -25.02 -0.31
CA PRO E 139 8.01 -24.81 0.61
C PRO E 139 6.92 -23.91 0.01
N PHE E 140 7.29 -22.93 -0.79
CA PHE E 140 6.29 -22.07 -1.43
C PHE E 140 5.28 -22.90 -2.23
N ILE E 141 5.79 -23.81 -3.05
CA ILE E 141 4.95 -24.66 -3.88
C ILE E 141 4.16 -25.69 -3.07
N VAL E 142 4.76 -26.24 -2.02
CA VAL E 142 4.00 -27.05 -1.09
C VAL E 142 2.78 -26.26 -0.55
N ASP E 143 3.03 -25.03 -0.12
CA ASP E 143 1.98 -24.20 0.45
C ASP E 143 0.92 -23.80 -0.59
N LEU E 144 1.37 -23.60 -1.83
CA LEU E 144 0.51 -23.26 -2.95
C LEU E 144 -0.46 -24.41 -3.27
N ILE E 145 0.06 -25.63 -3.24
CA ILE E 145 -0.78 -26.80 -3.47
C ILE E 145 -1.84 -26.91 -2.37
N THR E 146 -1.42 -26.69 -1.12
CA THR E 146 -2.32 -26.67 0.03
C THR E 146 -3.42 -25.63 -0.14
N PHE E 147 -3.05 -24.50 -0.73
CA PHE E 147 -3.99 -23.43 -1.06
C PHE E 147 -5.02 -23.86 -2.13
N THR E 148 -4.56 -24.53 -3.19
CA THR E 148 -5.45 -25.03 -4.24
C THR E 148 -6.43 -26.07 -3.70
N GLU E 149 -6.03 -26.73 -2.62
CA GLU E 149 -6.89 -27.71 -1.96
C GLU E 149 -7.70 -27.09 -0.84
N GLY E 150 -7.70 -25.76 -0.77
CA GLY E 150 -8.41 -25.01 0.26
C GLY E 150 -8.04 -25.37 1.69
N SER E 151 -6.84 -25.94 1.88
CA SER E 151 -6.42 -26.41 3.19
C SER E 151 -5.45 -25.44 3.85
N GLY E 152 -5.29 -24.27 3.26
CA GLY E 152 -4.35 -23.28 3.77
C GLY E 152 -4.41 -21.98 2.99
N ARG E 153 -3.90 -20.91 3.61
CA ARG E 153 -3.96 -19.58 3.03
C ARG E 153 -3.06 -19.44 1.82
N SER E 154 -3.22 -18.35 1.11
CA SER E 154 -2.36 -18.00 -0.01
C SER E 154 -0.89 -17.85 0.44
N PRO E 155 0.03 -18.60 -0.16
CA PRO E 155 1.45 -18.43 0.20
C PRO E 155 1.99 -17.03 -0.07
N ARG E 156 2.83 -16.52 0.82
CA ARG E 156 3.39 -15.18 0.64
C ARG E 156 4.66 -15.24 -0.21
N TYR E 157 4.89 -14.19 -0.99
CA TYR E 157 6.02 -14.18 -1.92
C TYR E 157 6.67 -12.80 -2.02
N ALA E 158 6.10 -11.79 -1.35
CA ALA E 158 6.66 -10.46 -1.45
C ALA E 158 7.83 -10.25 -0.48
N LEU E 159 9.01 -9.99 -1.03
CA LEU E 159 10.19 -9.70 -0.21
C LEU E 159 10.22 -8.22 0.12
N TRP E 160 10.08 -7.91 1.40
CA TRP E 160 10.15 -6.53 1.85
C TRP E 160 11.44 -6.28 2.59
N PHE E 161 12.12 -5.19 2.21
CA PHE E 161 13.38 -4.81 2.88
C PHE E 161 13.23 -3.44 3.55
N CYS E 162 13.56 -3.38 4.83
CA CYS E 162 13.67 -2.11 5.53
C CYS E 162 15.14 -1.69 5.54
N VAL E 163 15.43 -0.55 4.92
CA VAL E 163 16.80 -0.13 4.70
C VAL E 163 17.22 1.00 5.63
N GLY E 164 18.28 0.78 6.39
CA GLY E 164 18.86 1.82 7.21
C GLY E 164 18.21 2.04 8.57
N GLU E 165 17.19 1.24 8.88
CA GLU E 165 16.47 1.36 10.16
C GLU E 165 16.05 -0.02 10.67
N SER E 166 15.70 -0.10 11.94
CA SER E 166 15.21 -1.37 12.48
C SER E 166 13.88 -1.71 11.83
N TRP E 167 13.58 -3.00 11.76
CA TRP E 167 12.28 -3.46 11.28
C TRP E 167 11.13 -2.81 12.07
N PRO E 168 10.09 -2.30 11.38
CA PRO E 168 8.98 -1.64 12.08
C PRO E 168 8.04 -2.64 12.76
N GLN E 169 8.56 -3.37 13.73
CA GLN E 169 7.72 -4.31 14.45
C GLN E 169 6.80 -3.53 15.37
N ASP E 170 5.50 -3.81 15.27
CA ASP E 170 4.49 -3.04 16.00
C ASP E 170 4.64 -1.53 15.81
N GLN E 171 5.03 -1.14 14.60
CA GLN E 171 5.12 0.27 14.23
C GLN E 171 4.52 0.42 12.84
N PRO E 172 3.89 1.58 12.55
CA PRO E 172 3.35 1.78 11.20
C PRO E 172 4.48 1.81 10.19
N TRP E 173 4.43 0.95 9.18
CA TRP E 173 5.56 0.81 8.27
C TRP E 173 5.78 2.10 7.48
N THR E 174 4.72 2.88 7.31
CA THR E 174 4.80 4.11 6.55
C THR E 174 5.71 5.16 7.19
N LYS E 175 6.06 4.98 8.46
CA LYS E 175 7.02 5.87 9.11
C LYS E 175 8.46 5.59 8.73
N ARG E 176 8.73 4.42 8.14
CA ARG E 176 10.11 4.07 7.74
C ARG E 176 10.55 4.90 6.53
N LEU E 177 11.82 5.32 6.53
CA LEU E 177 12.34 6.19 5.49
C LEU E 177 12.39 5.47 4.13
N VAL E 178 12.94 4.26 4.12
CA VAL E 178 13.12 3.53 2.86
C VAL E 178 12.69 2.06 3.00
N MET E 179 11.56 1.74 2.38
CA MET E 179 11.04 0.38 2.35
C MET E 179 10.99 -0.11 0.91
N VAL E 180 11.60 -1.25 0.63
CA VAL E 180 11.57 -1.75 -0.76
C VAL E 180 10.86 -3.09 -0.82
N LYS E 181 9.87 -3.19 -1.71
CA LYS E 181 9.23 -4.47 -1.99
C LYS E 181 9.82 -5.06 -3.27
N VAL E 182 10.21 -6.33 -3.21
CA VAL E 182 10.61 -7.05 -4.41
C VAL E 182 9.69 -8.25 -4.60
N VAL E 183 9.03 -8.30 -5.75
CA VAL E 183 8.16 -9.42 -6.08
C VAL E 183 8.71 -10.19 -7.27
N PRO E 184 9.09 -11.45 -7.07
CA PRO E 184 9.34 -12.27 -8.26
C PRO E 184 8.00 -12.55 -8.92
N THR E 185 7.75 -11.97 -10.09
CA THR E 185 6.37 -11.90 -10.57
C THR E 185 5.79 -13.25 -10.96
N CYS E 186 6.63 -14.25 -11.22
CA CYS E 186 6.14 -15.61 -11.42
C CYS E 186 5.32 -16.11 -10.23
N LEU E 187 5.77 -15.81 -9.01
CA LEU E 187 5.09 -16.24 -7.80
C LEU E 187 3.71 -15.59 -7.66
N ARG E 188 3.65 -14.28 -7.95
CA ARG E 188 2.38 -13.55 -7.99
C ARG E 188 1.43 -14.24 -8.97
N ALA E 189 1.94 -14.56 -10.15
CA ALA E 189 1.14 -15.21 -11.20
C ALA E 189 0.67 -16.60 -10.79
N LEU E 190 1.55 -17.36 -10.14
CA LEU E 190 1.20 -18.69 -9.68
C LEU E 190 0.07 -18.66 -8.64
N VAL E 191 0.13 -17.68 -7.75
CA VAL E 191 -0.94 -17.52 -6.74
C VAL E 191 -2.26 -17.07 -7.40
N GLU E 192 -2.20 -16.13 -8.35
CA GLU E 192 -3.45 -15.68 -8.96
C GLU E 192 -4.09 -16.81 -9.76
N MET E 193 -3.26 -17.63 -10.41
CA MET E 193 -3.74 -18.78 -11.17
C MET E 193 -4.50 -19.76 -10.27
N ALA E 194 -3.93 -20.06 -9.11
CA ALA E 194 -4.60 -20.92 -8.13
C ALA E 194 -5.91 -20.29 -7.68
N ARG E 195 -5.88 -18.98 -7.49
CA ARG E 195 -7.05 -18.24 -7.00
C ARG E 195 -8.22 -18.37 -7.99
N VAL E 196 -8.00 -18.02 -9.27
CA VAL E 196 -9.06 -18.17 -10.28
C VAL E 196 -9.39 -19.63 -10.58
N GLY E 197 -8.40 -20.52 -10.47
CA GLY E 197 -8.61 -21.93 -10.74
C GLY E 197 -9.57 -22.59 -9.77
N GLY E 198 -9.64 -22.04 -8.56
CA GLY E 198 -10.59 -22.55 -7.57
C GLY E 198 -12.04 -22.21 -7.87
N ALA E 199 -12.27 -21.24 -8.77
CA ALA E 199 -13.64 -20.77 -9.06
C ALA E 199 -14.38 -21.65 -10.04
N SER E 200 -13.65 -22.41 -10.85
CA SER E 200 -14.27 -23.30 -11.84
C SER E 200 -13.28 -24.30 -12.39
N SER E 201 -13.73 -25.13 -13.31
CA SER E 201 -12.81 -26.02 -14.02
C SER E 201 -12.57 -25.56 -15.47
N LEU E 202 -12.88 -24.30 -15.74
CA LEU E 202 -12.60 -23.70 -17.04
C LEU E 202 -11.10 -23.42 -17.13
N GLU E 203 -10.58 -23.25 -18.34
CA GLU E 203 -9.17 -22.92 -18.45
C GLU E 203 -8.99 -21.45 -18.12
N ASN E 204 -7.87 -21.15 -17.48
CA ASN E 204 -7.45 -19.79 -17.21
C ASN E 204 -6.05 -19.61 -17.76
N THR E 205 -5.67 -18.38 -18.06
CA THR E 205 -4.33 -18.10 -18.55
C THR E 205 -3.37 -17.65 -17.44
N VAL E 206 -2.15 -18.18 -17.48
CA VAL E 206 -1.03 -17.76 -16.64
C VAL E 206 0.15 -17.30 -17.48
N ASP E 207 0.62 -16.09 -17.24
CA ASP E 207 1.92 -15.65 -17.74
C ASP E 207 2.90 -15.81 -16.58
N LEU E 208 3.91 -16.66 -16.75
CA LEU E 208 4.86 -16.90 -15.65
C LEU E 208 5.88 -15.77 -15.52
N HIS E 209 5.93 -14.87 -16.50
CA HIS E 209 6.87 -13.76 -16.50
C HIS E 209 8.30 -14.24 -16.27
N ILE E 210 8.69 -15.26 -17.03
CA ILE E 210 10.07 -15.74 -17.00
C ILE E 210 10.54 -15.91 -18.44
N SER E 211 11.86 -15.96 -18.65
CA SER E 211 12.45 -16.07 -19.98
C SER E 211 11.91 -17.31 -20.70
N ASN E 212 11.75 -17.19 -22.03
CA ASN E 212 11.34 -18.32 -22.88
C ASN E 212 10.13 -19.08 -22.35
N SER E 213 9.08 -18.34 -22.00
CA SER E 213 7.85 -18.95 -21.52
C SER E 213 6.68 -18.12 -22.03
N HIS E 214 5.88 -18.70 -22.92
CA HIS E 214 4.69 -18.03 -23.46
C HIS E 214 3.54 -18.31 -22.50
N PRO E 215 2.43 -17.55 -22.61
CA PRO E 215 1.32 -17.80 -21.67
C PRO E 215 0.76 -19.21 -21.79
N LEU E 216 0.28 -19.74 -20.68
CA LEU E 216 -0.29 -21.08 -20.62
C LEU E 216 -1.78 -21.01 -20.33
N SER E 217 -2.56 -21.93 -20.89
CA SER E 217 -3.99 -21.98 -20.63
C SER E 217 -4.35 -23.34 -20.06
N LEU E 218 -4.61 -23.37 -18.76
CA LEU E 218 -4.80 -24.63 -18.07
C LEU E 218 -6.08 -24.65 -17.27
N THR E 219 -6.64 -25.83 -17.11
CA THR E 219 -7.68 -26.03 -16.12
C THR E 219 -7.00 -26.17 -14.77
N SER E 220 -7.79 -26.04 -13.71
CA SER E 220 -7.27 -26.26 -12.37
C SER E 220 -6.67 -27.67 -12.24
N ASP E 221 -7.36 -28.66 -12.77
CA ASP E 221 -6.91 -30.04 -12.72
C ASP E 221 -5.50 -30.19 -13.32
N GLN E 222 -5.26 -29.55 -14.45
CA GLN E 222 -3.96 -29.57 -15.13
C GLN E 222 -2.88 -28.85 -14.34
N TYR E 223 -3.24 -27.68 -13.82
CA TYR E 223 -2.34 -26.84 -13.05
C TYR E 223 -1.86 -27.55 -11.78
N LYS E 224 -2.82 -28.10 -11.04
CA LYS E 224 -2.50 -28.84 -9.82
C LYS E 224 -1.64 -30.07 -10.16
N ALA E 225 -1.93 -30.71 -11.29
CA ALA E 225 -1.10 -31.82 -11.75
C ALA E 225 0.34 -31.36 -11.98
N TYR E 226 0.49 -30.23 -12.66
CA TYR E 226 1.82 -29.69 -12.91
C TYR E 226 2.53 -29.26 -11.62
N LEU E 227 1.79 -28.71 -10.67
CA LEU E 227 2.38 -28.26 -9.41
C LEU E 227 2.95 -29.45 -8.65
N GLN E 228 2.22 -30.55 -8.67
CA GLN E 228 2.60 -31.74 -7.95
C GLN E 228 3.83 -32.38 -8.61
N ASP E 229 3.85 -32.42 -9.93
CA ASP E 229 5.01 -32.95 -10.62
C ASP E 229 6.25 -32.09 -10.36
N LEU E 230 6.05 -30.78 -10.33
CA LEU E 230 7.12 -29.84 -10.04
C LEU E 230 7.73 -30.10 -8.67
N VAL E 231 6.89 -30.13 -7.66
CA VAL E 231 7.37 -30.22 -6.28
C VAL E 231 8.08 -31.54 -6.02
N GLU E 232 7.76 -32.58 -6.80
CA GLU E 232 8.40 -33.88 -6.62
C GLU E 232 9.86 -33.87 -7.05
N GLY E 233 10.22 -32.92 -7.89
CA GLY E 233 11.59 -32.85 -8.38
C GLY E 233 12.38 -31.79 -7.65
N MET E 234 11.78 -31.20 -6.62
CA MET E 234 12.42 -30.13 -5.89
C MET E 234 13.13 -30.63 -4.64
N ASP E 235 14.07 -29.84 -4.13
CA ASP E 235 14.88 -30.23 -2.99
C ASP E 235 14.27 -29.81 -1.67
N PHE E 236 14.19 -30.75 -0.74
CA PHE E 236 13.71 -30.47 0.60
C PHE E 236 14.71 -30.99 1.63
#